data_7OW9
#
_entry.id   7OW9
#
_cell.length_a   80.179
_cell.length_b   105.025
_cell.length_c   104.219
_cell.angle_alpha   90.000
_cell.angle_beta   90.000
_cell.angle_gamma   90.000
#
_symmetry.space_group_name_H-M   'C 2 2 21'
#
loop_
_entity.id
_entity.type
_entity.pdbx_description
1 polymer CYPX
2 non-polymer (3S,6S)-3,6-bis(2-methylpropyl)piperazine-2,5-dione
3 non-polymer 'NITRATE ION'
4 non-polymer 'PROTOPORPHYRIN IX CONTAINING FE'
5 water water
#
_entity_poly.entity_id   1
_entity_poly.type   'polypeptide(L)'
_entity_poly.pdbx_seq_one_letter_code
;GSLKVYNSIFDQAYEIDPIPYFNFLRKHDPVHYEESIDAYFVSKYKDVKYILKNNDIFNTKTLAKRAEPVMKDRVLAQMS
GQEHKSKKKAILKGMTGKYLENLMPILEKRTNDIINKHIEKKEIDIVNDFGKVFAVQSSMDLLGINLENYEKIREWHNGI
AKFITSFNLNDEEIKYSLECSDKLENYLMPLIKDRKKSTKDDLISILLEYKNDENSISDTEILALSLNVLLAATEPVDKT
LAYLFYNLLKNPEQFESVKNNPKLIKNAIIETLRYNSPVQLIPRQVSKPFIFNNTELQAGDTVICMIGSANRDPEAYSNP
DEFNIHRSSDNKSPFTSHSQNLSFGTGVHTCVGASFSLIQLEMVAILLLKRLKNIKLKTMEITEHGIYTRGPKSMVISFD
;
_entity_poly.pdbx_strand_id   A
#
# COMPACT_ATOMS: atom_id res chain seq x y z
N LYS A 4 23.43 -23.54 -10.09
CA LYS A 4 22.05 -23.83 -9.72
C LYS A 4 21.67 -23.09 -8.43
N VAL A 5 20.42 -22.69 -8.35
CA VAL A 5 19.88 -21.95 -7.22
C VAL A 5 18.77 -22.79 -6.59
N TYR A 6 18.61 -22.66 -5.28
CA TYR A 6 17.69 -23.49 -4.53
C TYR A 6 16.79 -22.71 -3.59
N ASN A 7 17.10 -21.44 -3.35
CA ASN A 7 16.26 -20.54 -2.57
C ASN A 7 15.43 -19.75 -3.57
N SER A 8 14.11 -19.89 -3.50
CA SER A 8 13.22 -19.22 -4.42
C SER A 8 12.17 -18.41 -3.66
N ILE A 9 11.91 -17.21 -4.17
CA ILE A 9 10.81 -16.37 -3.66
C ILE A 9 9.49 -17.14 -3.70
N PHE A 10 9.36 -18.11 -4.59
CA PHE A 10 8.11 -18.83 -4.77
C PHE A 10 8.07 -20.13 -3.97
N ASP A 11 9.11 -20.41 -3.17
CA ASP A 11 9.02 -21.49 -2.18
C ASP A 11 7.83 -21.25 -1.26
N GLN A 12 7.10 -22.31 -0.93
CA GLN A 12 6.03 -22.17 0.06
C GLN A 12 6.53 -21.51 1.34
N ALA A 13 7.76 -21.82 1.75
CA ALA A 13 8.27 -21.28 3.00
C ALA A 13 8.41 -19.77 2.96
N TYR A 14 8.63 -19.19 1.77
CA TYR A 14 8.80 -17.73 1.68
C TYR A 14 7.52 -17.01 2.13
N GLU A 15 6.38 -17.43 1.60
CA GLU A 15 5.14 -16.73 1.94
C GLU A 15 4.78 -16.92 3.40
N ILE A 16 5.19 -18.05 3.99
CA ILE A 16 4.92 -18.28 5.41
C ILE A 16 5.80 -17.38 6.27
N ASP A 17 7.10 -17.30 5.95
CA ASP A 17 8.02 -16.41 6.65
C ASP A 17 9.14 -15.99 5.72
N PRO A 18 9.08 -14.76 5.17
CA PRO A 18 10.14 -14.33 4.26
C PRO A 18 11.39 -13.79 4.94
N ILE A 19 11.38 -13.56 6.25
CA ILE A 19 12.52 -12.89 6.87
C ILE A 19 13.82 -13.66 6.65
N PRO A 20 13.88 -14.98 6.83
CA PRO A 20 15.15 -15.69 6.54
C PRO A 20 15.60 -15.56 5.09
N TYR A 21 14.65 -15.46 4.14
CA TYR A 21 15.00 -15.20 2.74
C TYR A 21 15.63 -13.83 2.60
N PHE A 22 15.02 -12.80 3.19
CA PHE A 22 15.62 -11.47 3.18
C PHE A 22 17.10 -11.55 3.58
N ASN A 23 17.36 -12.20 4.72
CA ASN A 23 18.72 -12.29 5.25
C ASN A 23 19.64 -13.02 4.30
N PHE A 24 19.16 -14.13 3.72
CA PHE A 24 19.98 -14.89 2.79
C PHE A 24 20.28 -14.08 1.52
N LEU A 25 19.26 -13.44 0.95
CA LEU A 25 19.40 -12.76 -0.32
C LEU A 25 20.32 -11.55 -0.20
N ARG A 26 20.14 -10.74 0.84
CA ARG A 26 20.99 -9.55 0.99
C ARG A 26 22.46 -9.94 1.09
N LYS A 27 22.75 -11.06 1.75
CA LYS A 27 24.12 -11.47 2.01
C LYS A 27 24.74 -12.19 0.81
N HIS A 28 23.94 -13.01 0.12
CA HIS A 28 24.44 -14.01 -0.81
C HIS A 28 23.92 -13.89 -2.23
N ASP A 29 22.86 -13.14 -2.47
CA ASP A 29 22.30 -13.07 -3.81
C ASP A 29 21.46 -11.80 -3.91
N PRO A 30 22.09 -10.62 -3.85
CA PRO A 30 21.32 -9.38 -3.72
C PRO A 30 20.53 -9.00 -4.96
N VAL A 31 20.84 -9.58 -6.11
CA VAL A 31 20.10 -9.36 -7.35
C VAL A 31 19.78 -10.75 -7.87
N HIS A 32 18.63 -11.28 -7.49
CA HIS A 32 18.33 -12.71 -7.49
C HIS A 32 17.33 -13.05 -8.59
N TYR A 33 17.75 -13.91 -9.52
CA TYR A 33 16.93 -14.23 -10.69
C TYR A 33 15.90 -15.30 -10.36
N GLU A 34 14.66 -15.08 -10.79
CA GLU A 34 13.58 -16.06 -10.68
C GLU A 34 13.13 -16.40 -12.09
N GLU A 35 13.46 -17.61 -12.54
CA GLU A 35 13.17 -17.98 -13.93
C GLU A 35 11.68 -18.03 -14.21
N SER A 36 10.86 -18.37 -13.21
CA SER A 36 9.46 -18.58 -13.48
C SER A 36 8.74 -17.31 -13.91
N ILE A 37 9.26 -16.13 -13.56
CA ILE A 37 8.69 -14.87 -14.02
C ILE A 37 9.71 -14.01 -14.76
N ASP A 38 10.90 -14.54 -15.00
CA ASP A 38 11.98 -13.86 -15.73
C ASP A 38 12.24 -12.47 -15.15
N ALA A 39 12.51 -12.43 -13.86
CA ALA A 39 12.73 -11.17 -13.18
C ALA A 39 13.76 -11.39 -12.07
N TYR A 40 14.41 -10.29 -11.71
CA TYR A 40 15.42 -10.25 -10.65
C TYR A 40 14.86 -9.53 -9.43
N PHE A 41 15.04 -10.12 -8.27
CA PHE A 41 14.60 -9.54 -7.01
C PHE A 41 15.79 -8.88 -6.32
N VAL A 42 15.58 -7.63 -5.90
CA VAL A 42 16.64 -6.77 -5.37
C VAL A 42 16.36 -6.54 -3.89
N SER A 43 17.26 -6.97 -3.03
CA SER A 43 16.95 -7.11 -1.61
C SER A 43 17.63 -6.10 -0.71
N LYS A 44 18.68 -5.40 -1.17
CA LYS A 44 19.43 -4.49 -0.31
C LYS A 44 18.89 -3.06 -0.38
N TYR A 45 18.93 -2.37 0.76
CA TYR A 45 18.47 -0.99 0.86
C TYR A 45 19.17 -0.09 -0.16
N LYS A 46 20.50 -0.17 -0.22
CA LYS A 46 21.24 0.72 -1.12
C LYS A 46 20.83 0.53 -2.57
N ASP A 47 20.59 -0.73 -2.99
CA ASP A 47 20.25 -1.01 -4.37
C ASP A 47 18.80 -0.64 -4.69
N VAL A 48 17.87 -0.96 -3.76
CA VAL A 48 16.47 -0.57 -3.96
C VAL A 48 16.37 0.94 -4.06
N LYS A 49 17.04 1.65 -3.15
CA LYS A 49 16.99 3.11 -3.18
C LYS A 49 17.57 3.64 -4.48
N TYR A 50 18.71 3.10 -4.93
CA TYR A 50 19.30 3.55 -6.19
C TYR A 50 18.35 3.33 -7.35
N ILE A 51 17.71 2.15 -7.40
CA ILE A 51 16.78 1.86 -8.50
C ILE A 51 15.63 2.85 -8.51
N LEU A 52 15.01 3.07 -7.34
CA LEU A 52 13.83 3.94 -7.28
C LEU A 52 14.18 5.40 -7.48
N LYS A 53 15.40 5.80 -7.10
CA LYS A 53 15.83 7.19 -7.32
C LYS A 53 16.20 7.46 -8.76
N ASN A 54 16.29 6.44 -9.60
CA ASN A 54 16.82 6.58 -10.96
C ASN A 54 15.75 6.11 -11.95
N ASN A 55 14.73 6.95 -12.09
CA ASN A 55 13.56 6.73 -12.92
C ASN A 55 13.87 6.66 -14.41
N ASP A 56 14.99 7.23 -14.84
CA ASP A 56 15.35 7.13 -16.25
C ASP A 56 16.08 5.83 -16.56
N ILE A 57 16.80 5.27 -15.59
CA ILE A 57 17.46 3.99 -15.83
C ILE A 57 16.50 2.82 -15.59
N PHE A 58 15.66 2.93 -14.57
CA PHE A 58 14.71 1.89 -14.17
C PHE A 58 13.32 2.51 -14.27
N ASN A 59 12.64 2.27 -15.37
CA ASN A 59 11.38 2.92 -15.66
C ASN A 59 10.21 2.03 -15.25
N THR A 60 9.00 2.58 -15.36
CA THR A 60 7.81 1.92 -14.86
C THR A 60 7.04 1.19 -15.95
N LYS A 61 7.68 0.87 -17.07
CA LYS A 61 6.98 0.23 -18.19
C LYS A 61 6.40 -1.12 -17.79
N THR A 62 6.89 -1.73 -16.71
N THR A 62 6.90 -1.72 -16.71
CA THR A 62 6.34 -3.00 -16.26
CA THR A 62 6.34 -2.99 -16.25
C THR A 62 4.87 -2.86 -15.88
C THR A 62 4.86 -2.86 -15.90
N LEU A 63 4.45 -1.68 -15.46
CA LEU A 63 3.08 -1.49 -15.01
C LEU A 63 2.08 -1.56 -16.15
N ALA A 64 2.50 -1.21 -17.37
CA ALA A 64 1.61 -1.36 -18.52
C ALA A 64 1.09 -2.79 -18.60
N LYS A 65 1.86 -3.74 -18.09
CA LYS A 65 1.53 -5.15 -18.10
C LYS A 65 0.80 -5.60 -16.84
N ARG A 66 1.26 -5.14 -15.68
CA ARG A 66 0.72 -5.60 -14.41
C ARG A 66 -0.52 -4.84 -14.00
N ALA A 67 -0.83 -3.71 -14.65
CA ALA A 67 -1.92 -2.87 -14.17
C ALA A 67 -2.93 -2.48 -15.23
N GLU A 68 -2.49 -2.02 -16.38
CA GLU A 68 -3.41 -1.42 -17.34
C GLU A 68 -4.55 -2.34 -17.76
N PRO A 69 -4.37 -3.66 -17.79
CA PRO A 69 -5.52 -4.52 -18.16
C PRO A 69 -6.73 -4.33 -17.26
N VAL A 70 -6.54 -4.06 -15.96
CA VAL A 70 -7.65 -3.87 -15.05
C VAL A 70 -7.91 -2.40 -14.74
N MET A 71 -6.94 -1.51 -14.96
N MET A 71 -6.92 -1.52 -14.96
CA MET A 71 -7.16 -0.09 -14.72
CA MET A 71 -7.12 -0.10 -14.73
C MET A 71 -7.82 0.62 -15.89
C MET A 71 -7.82 0.60 -15.88
N LYS A 72 -7.86 -0.03 -17.06
CA LYS A 72 -8.61 0.42 -18.24
C LYS A 72 -7.94 1.59 -18.95
N ASP A 73 -6.89 2.16 -18.37
CA ASP A 73 -6.09 3.19 -19.01
C ASP A 73 -4.85 3.40 -18.15
N ARG A 74 -4.07 4.43 -18.49
CA ARG A 74 -2.78 4.63 -17.84
C ARG A 74 -2.93 5.09 -16.39
N VAL A 75 -2.07 4.54 -15.54
CA VAL A 75 -1.99 4.84 -14.11
C VAL A 75 -0.95 5.94 -13.90
N LEU A 76 -1.00 6.58 -12.73
CA LEU A 76 -0.10 7.71 -12.49
C LEU A 76 1.35 7.26 -12.55
N ALA A 77 1.67 6.10 -11.96
CA ALA A 77 3.06 5.65 -11.91
C ALA A 77 3.63 5.35 -13.28
N GLN A 78 2.78 5.20 -14.30
CA GLN A 78 3.27 5.01 -15.66
C GLN A 78 3.67 6.33 -16.34
N MET A 79 3.33 7.47 -15.73
CA MET A 79 3.53 8.78 -16.34
C MET A 79 4.89 9.33 -15.96
N SER A 80 5.38 10.25 -16.77
CA SER A 80 6.62 10.93 -16.43
C SER A 80 6.53 12.40 -16.80
N GLY A 81 7.58 13.14 -16.47
CA GLY A 81 7.67 14.51 -16.92
C GLY A 81 6.55 15.38 -16.37
N GLN A 82 6.31 16.48 -17.08
CA GLN A 82 5.34 17.47 -16.60
C GLN A 82 3.95 16.87 -16.44
N GLU A 83 3.60 15.86 -17.24
CA GLU A 83 2.30 15.22 -17.07
C GLU A 83 2.21 14.54 -15.70
N HIS A 84 3.23 13.78 -15.33
CA HIS A 84 3.20 13.09 -14.05
C HIS A 84 3.21 14.08 -12.90
N LYS A 85 4.09 15.08 -12.97
CA LYS A 85 4.16 16.08 -11.91
C LYS A 85 2.82 16.76 -11.70
N SER A 86 2.12 17.10 -12.79
CA SER A 86 0.91 17.89 -12.68
C SER A 86 -0.28 17.06 -12.20
N LYS A 87 -0.42 15.85 -12.73
CA LYS A 87 -1.52 14.99 -12.29
C LYS A 87 -1.28 14.46 -10.88
N LYS A 88 -0.02 14.24 -10.51
CA LYS A 88 0.29 13.90 -9.12
C LYS A 88 -0.14 15.04 -8.20
N LYS A 89 0.14 16.28 -8.59
CA LYS A 89 -0.29 17.43 -7.80
C LYS A 89 -1.80 17.50 -7.73
N ALA A 90 -2.48 17.13 -8.82
CA ALA A 90 -3.94 17.17 -8.82
C ALA A 90 -4.52 16.13 -7.86
N ILE A 91 -3.89 14.97 -7.78
CA ILE A 91 -4.34 13.94 -6.84
C ILE A 91 -4.07 14.38 -5.41
N LEU A 92 -2.91 14.99 -5.18
CA LEU A 92 -2.58 15.46 -3.84
C LEU A 92 -3.58 16.49 -3.34
N LYS A 93 -4.02 17.39 -4.24
CA LYS A 93 -4.99 18.40 -3.87
C LYS A 93 -6.21 17.78 -3.20
N GLY A 94 -6.62 16.59 -3.66
CA GLY A 94 -7.80 15.95 -3.11
C GLY A 94 -7.63 15.39 -1.72
N MET A 95 -6.42 15.35 -1.20
CA MET A 95 -6.19 14.89 0.17
C MET A 95 -5.35 15.90 0.95
N THR A 96 -5.44 17.17 0.55
CA THR A 96 -4.77 18.25 1.26
C THR A 96 -5.68 19.46 1.32
N GLY A 97 -5.22 20.49 2.02
CA GLY A 97 -5.95 21.73 2.06
C GLY A 97 -7.37 21.55 2.58
N LYS A 98 -8.31 22.24 1.95
CA LYS A 98 -9.70 22.17 2.40
C LYS A 98 -10.29 20.79 2.17
N TYR A 99 -9.86 20.08 1.12
CA TYR A 99 -10.34 18.72 0.90
C TYR A 99 -10.00 17.83 2.08
N LEU A 100 -8.78 17.98 2.63
CA LEU A 100 -8.40 17.19 3.80
C LEU A 100 -9.20 17.61 5.01
N GLU A 101 -9.43 18.92 5.20
CA GLU A 101 -10.15 19.36 6.38
C GLU A 101 -11.59 18.82 6.37
N ASN A 102 -12.18 18.73 5.18
CA ASN A 102 -13.54 18.17 5.05
C ASN A 102 -13.55 16.65 5.18
N LEU A 103 -12.49 15.98 4.71
CA LEU A 103 -12.50 14.52 4.66
C LEU A 103 -12.30 13.92 6.05
N MET A 104 -11.50 14.53 6.89
CA MET A 104 -11.08 13.86 8.11
C MET A 104 -12.25 13.67 9.08
N PRO A 105 -13.14 14.66 9.27
CA PRO A 105 -14.34 14.39 10.09
C PRO A 105 -15.18 13.24 9.54
N ILE A 106 -15.23 13.08 8.21
CA ILE A 106 -15.96 11.97 7.62
C ILE A 106 -15.28 10.64 7.94
N LEU A 107 -13.94 10.61 7.91
CA LEU A 107 -13.25 9.37 8.25
C LEU A 107 -13.38 9.05 9.74
N GLU A 108 -13.45 10.07 10.58
CA GLU A 108 -13.80 9.84 11.97
C GLU A 108 -15.18 9.19 12.09
N LYS A 109 -16.14 9.66 11.30
CA LYS A 109 -17.48 9.06 11.28
C LYS A 109 -17.41 7.60 10.85
N ARG A 110 -16.68 7.34 9.76
CA ARG A 110 -16.54 5.95 9.32
C ARG A 110 -15.96 5.09 10.44
N THR A 111 -14.92 5.59 11.10
CA THR A 111 -14.29 4.87 12.19
C THR A 111 -15.26 4.59 13.32
N ASN A 112 -15.95 5.62 13.80
CA ASN A 112 -16.87 5.41 14.91
C ASN A 112 -18.06 4.56 14.54
N ASP A 113 -18.53 4.63 13.29
CA ASP A 113 -19.65 3.77 12.93
C ASP A 113 -19.25 2.31 13.00
N ILE A 114 -18.03 1.98 12.54
CA ILE A 114 -17.57 0.59 12.61
C ILE A 114 -17.42 0.17 14.06
N ILE A 115 -16.76 1.02 14.86
CA ILE A 115 -16.64 0.74 16.29
C ILE A 115 -18.02 0.53 16.92
N ASN A 116 -18.99 1.37 16.57
CA ASN A 116 -20.30 1.26 17.20
C ASN A 116 -20.99 -0.06 16.86
N LYS A 117 -20.65 -0.64 15.71
CA LYS A 117 -21.23 -1.92 15.34
C LYS A 117 -20.72 -3.05 16.23
N HIS A 118 -19.51 -2.93 16.77
CA HIS A 118 -18.87 -4.01 17.51
C HIS A 118 -18.63 -3.74 18.99
N ILE A 119 -18.89 -2.53 19.47
CA ILE A 119 -18.49 -2.18 20.84
C ILE A 119 -19.16 -3.08 21.88
N GLU A 120 -20.40 -3.51 21.64
CA GLU A 120 -21.06 -4.34 22.64
C GLU A 120 -20.58 -5.79 22.62
N LYS A 121 -19.88 -6.21 21.56
CA LYS A 121 -19.39 -7.57 21.46
C LYS A 121 -18.11 -7.79 22.27
N LYS A 122 -17.41 -6.72 22.65
CA LYS A 122 -16.21 -6.77 23.47
C LYS A 122 -15.05 -7.44 22.73
N GLU A 123 -15.16 -7.57 21.41
CA GLU A 123 -14.02 -7.95 20.57
C GLU A 123 -14.27 -7.42 19.17
N ILE A 124 -13.19 -7.37 18.39
CA ILE A 124 -13.25 -6.89 17.01
C ILE A 124 -12.02 -7.41 16.29
N ASP A 125 -12.20 -7.81 15.04
CA ASP A 125 -11.12 -8.24 14.16
C ASP A 125 -10.62 -7.00 13.41
N ILE A 126 -9.41 -6.53 13.76
CA ILE A 126 -8.88 -5.33 13.14
C ILE A 126 -8.73 -5.52 11.64
N VAL A 127 -8.49 -6.75 11.18
CA VAL A 127 -8.40 -7.00 9.75
C VAL A 127 -9.80 -7.03 9.13
N ASN A 128 -10.64 -7.95 9.58
CA ASN A 128 -11.85 -8.28 8.84
C ASN A 128 -13.08 -7.50 9.24
N ASP A 129 -13.13 -7.02 10.49
CA ASP A 129 -14.24 -6.18 10.91
C ASP A 129 -13.94 -4.72 10.65
N PHE A 130 -12.74 -4.26 11.01
CA PHE A 130 -12.44 -2.83 10.88
C PHE A 130 -11.70 -2.49 9.60
N GLY A 131 -10.49 -3.03 9.43
CA GLY A 131 -9.59 -2.51 8.42
C GLY A 131 -10.13 -2.61 7.00
N LYS A 132 -10.67 -3.77 6.64
CA LYS A 132 -11.08 -3.95 5.25
C LYS A 132 -12.29 -3.06 4.93
N VAL A 133 -13.21 -2.91 5.89
CA VAL A 133 -14.38 -2.05 5.70
C VAL A 133 -13.98 -0.59 5.66
N PHE A 134 -13.27 -0.13 6.68
CA PHE A 134 -12.84 1.27 6.72
C PHE A 134 -12.02 1.65 5.49
N ALA A 135 -11.10 0.78 5.08
CA ALA A 135 -10.18 1.13 4.02
C ALA A 135 -10.92 1.45 2.73
N VAL A 136 -11.89 0.62 2.36
CA VAL A 136 -12.62 0.86 1.11
C VAL A 136 -13.52 2.08 1.25
N GLN A 137 -14.15 2.24 2.40
CA GLN A 137 -15.03 3.40 2.58
C GLN A 137 -14.23 4.70 2.54
N SER A 138 -13.07 4.71 3.19
CA SER A 138 -12.22 5.91 3.16
C SER A 138 -11.85 6.27 1.72
N SER A 139 -11.49 5.28 0.92
CA SER A 139 -11.11 5.54 -0.47
C SER A 139 -12.30 6.06 -1.28
N MET A 140 -13.48 5.50 -1.07
CA MET A 140 -14.65 6.04 -1.76
C MET A 140 -14.98 7.45 -1.28
N ASP A 141 -14.80 7.73 0.01
CA ASP A 141 -15.04 9.10 0.48
C ASP A 141 -14.05 10.07 -0.15
N LEU A 142 -12.78 9.67 -0.26
CA LEU A 142 -11.79 10.52 -0.91
C LEU A 142 -12.18 10.78 -2.36
N LEU A 143 -12.63 9.74 -3.06
CA LEU A 143 -12.98 9.90 -4.48
C LEU A 143 -14.31 10.62 -4.67
N GLY A 144 -15.23 10.48 -3.73
CA GLY A 144 -16.58 10.99 -3.90
C GLY A 144 -17.60 9.98 -4.34
N ILE A 145 -17.39 8.70 -4.06
CA ILE A 145 -18.34 7.63 -4.38
C ILE A 145 -19.20 7.39 -3.15
N ASN A 146 -20.51 7.49 -3.32
CA ASN A 146 -21.40 7.28 -2.18
C ASN A 146 -21.35 5.81 -1.78
N LEU A 147 -21.54 5.56 -0.49
CA LEU A 147 -21.22 4.26 0.07
C LEU A 147 -22.31 3.23 -0.11
N GLU A 148 -23.40 3.55 -0.82
CA GLU A 148 -24.53 2.63 -0.86
C GLU A 148 -24.12 1.25 -1.33
N ASN A 149 -23.12 1.17 -2.22
CA ASN A 149 -22.72 -0.09 -2.83
C ASN A 149 -21.31 -0.51 -2.40
N TYR A 150 -20.88 -0.11 -1.21
CA TYR A 150 -19.48 -0.29 -0.83
C TYR A 150 -19.10 -1.77 -0.74
N GLU A 151 -20.06 -2.65 -0.44
CA GLU A 151 -19.72 -4.07 -0.31
C GLU A 151 -19.34 -4.65 -1.67
N LYS A 152 -20.10 -4.32 -2.71
CA LYS A 152 -19.74 -4.72 -4.07
C LYS A 152 -18.43 -4.07 -4.50
N ILE A 153 -18.26 -2.78 -4.22
CA ILE A 153 -17.00 -2.11 -4.55
C ILE A 153 -15.83 -2.90 -3.97
N ARG A 154 -15.94 -3.29 -2.70
CA ARG A 154 -14.87 -4.05 -2.06
C ARG A 154 -14.61 -5.35 -2.82
N GLU A 155 -15.67 -6.08 -3.19
CA GLU A 155 -15.49 -7.33 -3.92
C GLU A 155 -14.76 -7.10 -5.23
N TRP A 156 -15.19 -6.11 -6.01
CA TRP A 156 -14.55 -5.84 -7.29
C TRP A 156 -13.13 -5.34 -7.09
N HIS A 157 -12.91 -4.49 -6.07
CA HIS A 157 -11.56 -4.04 -5.75
C HIS A 157 -10.66 -5.24 -5.49
N ASN A 158 -11.13 -6.20 -4.68
CA ASN A 158 -10.29 -7.36 -4.35
C ASN A 158 -9.90 -8.11 -5.61
N GLY A 159 -10.77 -8.12 -6.62
CA GLY A 159 -10.48 -8.85 -7.84
C GLY A 159 -9.44 -8.15 -8.70
N ILE A 160 -9.53 -6.82 -8.83
CA ILE A 160 -8.49 -6.16 -9.62
C ILE A 160 -7.19 -6.10 -8.82
N ALA A 161 -7.26 -5.98 -7.49
CA ALA A 161 -6.03 -6.00 -6.70
C ALA A 161 -5.32 -7.35 -6.86
N LYS A 162 -6.07 -8.44 -6.83
CA LYS A 162 -5.48 -9.76 -7.02
C LYS A 162 -4.72 -9.83 -8.33
N PHE A 163 -5.30 -9.26 -9.39
CA PHE A 163 -4.59 -9.24 -10.67
C PHE A 163 -3.27 -8.48 -10.53
N ILE A 164 -3.30 -7.32 -9.88
CA ILE A 164 -2.13 -6.44 -9.84
C ILE A 164 -1.05 -6.98 -8.93
N THR A 165 -1.42 -7.79 -7.94
CA THR A 165 -0.48 -8.23 -6.92
C THR A 165 -0.08 -9.70 -7.08
N SER A 166 -0.40 -10.32 -8.20
CA SER A 166 -0.14 -11.74 -8.37
C SER A 166 0.83 -12.00 -9.51
N PHE A 167 1.39 -13.21 -9.49
CA PHE A 167 2.28 -13.71 -10.53
C PHE A 167 1.67 -14.98 -11.11
N ASN A 168 1.61 -15.04 -12.45
CA ASN A 168 1.24 -16.25 -13.18
C ASN A 168 -0.14 -16.79 -12.77
N LEU A 169 -1.13 -15.91 -12.76
CA LEU A 169 -2.49 -16.36 -12.51
C LEU A 169 -2.98 -17.25 -13.66
N ASN A 170 -3.92 -18.14 -13.36
CA ASN A 170 -4.44 -18.99 -14.40
C ASN A 170 -5.56 -18.27 -15.16
N ASP A 171 -6.03 -18.89 -16.24
CA ASP A 171 -6.95 -18.19 -17.14
C ASP A 171 -8.26 -17.85 -16.46
N GLU A 172 -8.71 -18.69 -15.52
CA GLU A 172 -9.99 -18.44 -14.85
C GLU A 172 -9.88 -17.29 -13.87
N GLU A 173 -8.77 -17.23 -13.11
CA GLU A 173 -8.55 -16.09 -12.23
C GLU A 173 -8.45 -14.80 -13.02
N ILE A 174 -7.74 -14.83 -14.15
CA ILE A 174 -7.63 -13.64 -14.98
C ILE A 174 -9.01 -13.18 -15.41
N LYS A 175 -9.83 -14.11 -15.92
CA LYS A 175 -11.20 -13.81 -16.31
C LYS A 175 -11.96 -13.09 -15.20
N TYR A 176 -11.90 -13.63 -13.98
CA TYR A 176 -12.65 -13.05 -12.88
C TYR A 176 -12.17 -11.64 -12.58
N SER A 177 -10.85 -11.43 -12.55
CA SER A 177 -10.32 -10.09 -12.30
C SER A 177 -10.77 -9.10 -13.35
N LEU A 178 -10.82 -9.54 -14.62
CA LEU A 178 -11.25 -8.62 -15.68
C LEU A 178 -12.74 -8.34 -15.59
N GLU A 179 -13.54 -9.31 -15.14
N GLU A 179 -13.54 -9.31 -15.11
CA GLU A 179 -14.96 -9.06 -14.90
CA GLU A 179 -14.96 -9.05 -14.91
C GLU A 179 -15.13 -8.03 -13.80
C GLU A 179 -15.18 -8.07 -13.77
N CYS A 180 -14.35 -8.14 -12.72
CA CYS A 180 -14.40 -7.14 -11.66
C CYS A 180 -14.09 -5.76 -12.21
N SER A 181 -13.07 -5.66 -13.05
CA SER A 181 -12.72 -4.39 -13.69
C SER A 181 -13.88 -3.87 -14.52
N ASP A 182 -14.50 -4.75 -15.31
CA ASP A 182 -15.62 -4.30 -16.13
C ASP A 182 -16.78 -3.79 -15.29
N LYS A 183 -17.06 -4.47 -14.16
CA LYS A 183 -18.17 -4.04 -13.32
C LYS A 183 -17.89 -2.69 -12.67
N LEU A 184 -16.67 -2.50 -12.16
CA LEU A 184 -16.30 -1.20 -11.63
C LEU A 184 -16.44 -0.11 -12.68
N GLU A 185 -15.99 -0.38 -13.90
CA GLU A 185 -16.17 0.57 -15.00
C GLU A 185 -17.64 0.83 -15.24
N ASN A 186 -18.47 -0.22 -15.24
CA ASN A 186 -19.90 -0.03 -15.49
C ASN A 186 -20.58 0.78 -14.40
N TYR A 187 -20.05 0.73 -13.18
CA TYR A 187 -20.64 1.45 -12.05
C TYR A 187 -20.14 2.89 -12.01
N LEU A 188 -18.87 3.11 -12.30
CA LEU A 188 -18.23 4.40 -12.10
C LEU A 188 -18.33 5.32 -13.30
N MET A 189 -18.46 4.79 -14.51
CA MET A 189 -18.61 5.65 -15.68
C MET A 189 -19.86 6.50 -15.60
N PRO A 190 -21.04 5.98 -15.24
CA PRO A 190 -22.20 6.86 -15.07
C PRO A 190 -21.98 7.92 -14.00
N LEU A 191 -21.24 7.59 -12.95
CA LEU A 191 -20.98 8.57 -11.88
C LEU A 191 -20.04 9.65 -12.35
N ILE A 192 -19.02 9.30 -13.14
CA ILE A 192 -18.10 10.30 -13.68
C ILE A 192 -18.86 11.25 -14.60
N LYS A 193 -19.77 10.72 -15.41
CA LYS A 193 -20.57 11.57 -16.30
C LYS A 193 -21.40 12.55 -15.48
N ASP A 194 -22.11 12.06 -14.47
CA ASP A 194 -22.93 12.94 -13.64
C ASP A 194 -22.06 13.98 -12.94
N ARG A 195 -20.84 13.62 -12.56
CA ARG A 195 -20.00 14.56 -11.83
C ARG A 195 -19.58 15.74 -12.69
N LYS A 196 -19.34 15.52 -14.00
CA LYS A 196 -18.83 16.61 -14.83
C LYS A 196 -19.90 17.62 -15.21
N LYS A 197 -21.17 17.26 -15.14
CA LYS A 197 -22.25 18.24 -15.34
C LYS A 197 -22.71 18.85 -14.02
N SER A 198 -22.23 18.34 -12.89
CA SER A 198 -22.54 18.91 -11.58
C SER A 198 -21.32 18.62 -10.68
N THR A 199 -20.36 19.53 -10.69
CA THR A 199 -19.10 19.31 -9.98
C THR A 199 -19.32 19.35 -8.48
N LYS A 200 -18.60 18.49 -7.76
CA LYS A 200 -18.60 18.45 -6.31
C LYS A 200 -17.17 18.66 -5.81
N ASP A 201 -17.01 18.61 -4.48
CA ASP A 201 -15.69 18.79 -3.85
C ASP A 201 -15.15 17.40 -3.48
N ASP A 202 -14.62 16.71 -4.48
CA ASP A 202 -14.03 15.39 -4.32
C ASP A 202 -12.98 15.20 -5.38
N LEU A 203 -12.28 14.06 -5.31
CA LEU A 203 -11.15 13.86 -6.21
C LEU A 203 -11.60 13.65 -7.65
N ILE A 204 -12.72 12.95 -7.85
CA ILE A 204 -13.22 12.76 -9.21
C ILE A 204 -13.45 14.12 -9.87
N SER A 205 -14.05 15.07 -9.14
CA SER A 205 -14.29 16.39 -9.71
C SER A 205 -12.98 17.10 -10.04
N ILE A 206 -12.00 17.01 -9.15
CA ILE A 206 -10.67 17.57 -9.42
C ILE A 206 -10.14 17.04 -10.74
N LEU A 207 -10.26 15.72 -10.95
CA LEU A 207 -9.70 15.11 -12.15
C LEU A 207 -10.44 15.59 -13.40
N LEU A 208 -11.74 15.83 -13.29
CA LEU A 208 -12.50 16.35 -14.41
C LEU A 208 -12.16 17.82 -14.69
N GLU A 209 -11.89 18.59 -13.63
CA GLU A 209 -11.51 19.99 -13.78
C GLU A 209 -10.07 20.14 -14.25
N TYR A 210 -9.28 19.07 -14.23
CA TYR A 210 -7.91 19.14 -14.66
C TYR A 210 -7.81 19.64 -16.09
N LYS A 211 -6.91 20.59 -16.33
CA LYS A 211 -6.69 21.16 -17.64
C LYS A 211 -5.20 21.18 -17.92
N ASN A 212 -4.80 20.67 -19.09
CA ASN A 212 -3.41 20.69 -19.55
C ASN A 212 -3.39 21.35 -20.92
N ASP A 213 -2.89 22.58 -20.98
CA ASP A 213 -2.90 23.36 -22.22
C ASP A 213 -4.33 23.51 -22.74
N GLU A 214 -5.26 23.75 -21.81
CA GLU A 214 -6.68 23.92 -22.12
C GLU A 214 -7.31 22.63 -22.63
N ASN A 215 -6.74 21.48 -22.28
CA ASN A 215 -7.24 20.18 -22.68
C ASN A 215 -7.76 19.42 -21.47
N SER A 216 -8.96 18.87 -21.59
CA SER A 216 -9.52 17.98 -20.58
C SER A 216 -9.30 16.54 -21.02
N ILE A 217 -8.91 15.70 -20.06
CA ILE A 217 -8.54 14.32 -20.37
C ILE A 217 -9.80 13.45 -20.48
N SER A 218 -9.66 12.35 -21.21
CA SER A 218 -10.79 11.48 -21.50
C SER A 218 -11.36 10.88 -20.23
N ASP A 219 -12.62 10.46 -20.32
CA ASP A 219 -13.30 9.89 -19.16
C ASP A 219 -12.70 8.55 -18.74
N THR A 220 -12.18 7.76 -19.68
CA THR A 220 -11.50 6.54 -19.27
C THR A 220 -10.20 6.86 -18.55
N GLU A 221 -9.52 7.93 -18.94
CA GLU A 221 -8.34 8.38 -18.20
C GLU A 221 -8.72 8.76 -16.78
N ILE A 222 -9.88 9.40 -16.62
CA ILE A 222 -10.40 9.67 -15.27
C ILE A 222 -10.67 8.37 -14.55
N LEU A 223 -11.34 7.43 -15.22
CA LEU A 223 -11.66 6.17 -14.58
C LEU A 223 -10.39 5.47 -14.12
N ALA A 224 -9.32 5.52 -14.94
CA ALA A 224 -8.11 4.80 -14.60
C ALA A 224 -7.41 5.40 -13.38
N LEU A 225 -7.35 6.74 -13.31
CA LEU A 225 -6.77 7.37 -12.13
C LEU A 225 -7.65 7.16 -10.91
N SER A 226 -8.96 7.07 -11.10
CA SER A 226 -9.88 6.79 -10.00
C SER A 226 -9.66 5.37 -9.47
N LEU A 227 -9.58 4.39 -10.37
CA LEU A 227 -9.26 3.03 -9.97
C LEU A 227 -7.88 2.97 -9.33
N ASN A 228 -6.93 3.76 -9.84
CA ASN A 228 -5.59 3.82 -9.23
C ASN A 228 -5.67 4.26 -7.78
N VAL A 229 -6.44 5.31 -7.50
CA VAL A 229 -6.58 5.77 -6.13
C VAL A 229 -7.34 4.75 -5.29
N LEU A 230 -8.42 4.17 -5.83
CA LEU A 230 -9.17 3.17 -5.09
C LEU A 230 -8.27 2.01 -4.68
N LEU A 231 -7.49 1.49 -5.60
CA LEU A 231 -6.62 0.37 -5.29
C LEU A 231 -5.52 0.79 -4.33
N ALA A 232 -4.82 1.89 -4.65
CA ALA A 232 -3.64 2.27 -3.88
C ALA A 232 -3.99 2.65 -2.45
N ALA A 233 -5.15 3.28 -2.25
CA ALA A 233 -5.53 3.74 -0.91
C ALA A 233 -6.13 2.64 -0.07
N THR A 234 -6.81 1.67 -0.69
CA THR A 234 -7.52 0.64 0.06
C THR A 234 -6.57 -0.45 0.53
N GLU A 235 -5.85 -1.07 -0.39
CA GLU A 235 -5.09 -2.28 -0.12
C GLU A 235 -4.17 -2.19 1.10
N PRO A 236 -3.35 -1.16 1.28
CA PRO A 236 -2.39 -1.17 2.39
C PRO A 236 -2.99 -0.89 3.77
N VAL A 237 -4.25 -0.46 3.87
CA VAL A 237 -4.72 0.14 5.12
C VAL A 237 -5.05 -0.93 6.14
N ASP A 238 -5.86 -1.92 5.78
CA ASP A 238 -6.20 -2.94 6.76
C ASP A 238 -4.94 -3.65 7.27
N LYS A 239 -3.99 -3.87 6.37
CA LYS A 239 -2.76 -4.56 6.75
C LYS A 239 -1.97 -3.74 7.76
N THR A 240 -1.80 -2.44 7.50
CA THR A 240 -0.99 -1.61 8.39
C THR A 240 -1.66 -1.43 9.75
N LEU A 241 -2.97 -1.20 9.76
CA LEU A 241 -3.68 -1.09 11.03
C LEU A 241 -3.54 -2.37 11.86
N ALA A 242 -3.67 -3.53 11.23
CA ALA A 242 -3.57 -4.78 11.96
C ALA A 242 -2.15 -4.99 12.51
N TYR A 243 -1.15 -4.78 11.66
CA TYR A 243 0.23 -4.94 12.10
C TYR A 243 0.56 -3.97 13.23
N LEU A 244 0.00 -2.76 13.19
CA LEU A 244 0.29 -1.77 14.21
C LEU A 244 -0.16 -2.25 15.59
N PHE A 245 -1.41 -2.69 15.70
CA PHE A 245 -1.91 -3.09 17.00
C PHE A 245 -1.33 -4.44 17.43
N TYR A 246 -1.02 -5.31 16.48
CA TYR A 246 -0.35 -6.56 16.81
C TYR A 246 1.03 -6.29 17.42
N ASN A 247 1.86 -5.50 16.72
CA ASN A 247 3.21 -5.23 17.21
C ASN A 247 3.18 -4.51 18.56
N LEU A 248 2.25 -3.57 18.73
CA LEU A 248 2.15 -2.91 20.03
C LEU A 248 1.75 -3.90 21.12
N LEU A 249 0.77 -4.77 20.83
CA LEU A 249 0.35 -5.72 21.85
C LEU A 249 1.41 -6.77 22.11
N LYS A 250 2.25 -7.08 21.12
CA LYS A 250 3.36 -8.00 21.35
C LYS A 250 4.52 -7.35 22.10
N ASN A 251 4.53 -6.03 22.25
CA ASN A 251 5.56 -5.31 22.98
C ASN A 251 4.89 -4.42 24.02
N PRO A 252 4.35 -5.02 25.08
CA PRO A 252 3.46 -4.25 25.97
C PRO A 252 4.09 -2.98 26.50
N GLU A 253 5.41 -2.97 26.72
CA GLU A 253 6.07 -1.77 27.22
C GLU A 253 5.89 -0.62 26.24
N GLN A 254 6.04 -0.90 24.94
CA GLN A 254 5.88 0.13 23.93
C GLN A 254 4.41 0.53 23.76
N PHE A 255 3.49 -0.43 23.90
CA PHE A 255 2.07 -0.12 23.89
C PHE A 255 1.73 0.83 25.03
N GLU A 256 2.32 0.61 26.21
CA GLU A 256 2.10 1.51 27.33
C GLU A 256 2.68 2.90 27.05
N SER A 257 3.88 2.97 26.51
CA SER A 257 4.46 4.27 26.16
C SER A 257 3.55 5.03 25.21
N VAL A 258 2.88 4.31 24.30
CA VAL A 258 2.02 4.98 23.34
C VAL A 258 0.76 5.51 24.03
N LYS A 259 0.18 4.71 24.93
CA LYS A 259 -0.96 5.20 25.71
C LYS A 259 -0.59 6.47 26.46
N ASN A 260 0.51 6.42 27.22
CA ASN A 260 0.88 7.54 28.07
C ASN A 260 1.32 8.74 27.27
N ASN A 261 1.70 8.57 26.01
CA ASN A 261 2.17 9.68 25.17
C ASN A 261 1.67 9.49 23.74
N PRO A 262 0.47 10.00 23.43
CA PRO A 262 -0.08 9.82 22.07
C PRO A 262 0.77 10.40 20.96
N LYS A 263 1.72 11.29 21.27
CA LYS A 263 2.60 11.81 20.23
C LYS A 263 3.43 10.71 19.59
N LEU A 264 3.61 9.58 20.27
CA LEU A 264 4.39 8.47 19.77
C LEU A 264 3.65 7.63 18.74
N ILE A 265 2.33 7.85 18.56
CA ILE A 265 1.60 6.98 17.65
C ILE A 265 2.11 7.14 16.22
N LYS A 266 2.51 8.35 15.85
CA LYS A 266 3.03 8.56 14.49
C LYS A 266 4.29 7.73 14.27
N ASN A 267 5.22 7.78 15.23
N ASN A 267 5.21 7.76 15.23
CA ASN A 267 6.44 6.99 15.14
CA ASN A 267 6.44 6.98 15.09
C ASN A 267 6.11 5.50 15.10
C ASN A 267 6.15 5.49 15.13
N ALA A 268 5.08 5.08 15.84
CA ALA A 268 4.74 3.66 15.87
C ALA A 268 4.20 3.19 14.52
N ILE A 269 3.44 4.06 13.85
CA ILE A 269 2.95 3.73 12.51
C ILE A 269 4.12 3.61 11.54
N ILE A 270 5.05 4.56 11.61
CA ILE A 270 6.22 4.55 10.72
C ILE A 270 7.06 3.30 10.97
N GLU A 271 7.26 2.94 12.24
CA GLU A 271 8.02 1.73 12.55
C GLU A 271 7.27 0.49 12.06
N THR A 272 5.94 0.47 12.19
CA THR A 272 5.17 -0.65 11.68
C THR A 272 5.33 -0.77 10.17
N LEU A 273 5.31 0.36 9.46
CA LEU A 273 5.49 0.33 8.01
C LEU A 273 6.88 -0.16 7.63
N ARG A 274 7.90 0.20 8.40
CA ARG A 274 9.24 -0.33 8.14
C ARG A 274 9.30 -1.83 8.39
N TYR A 275 8.76 -2.27 9.51
CA TYR A 275 8.96 -3.63 10.02
C TYR A 275 8.12 -4.65 9.27
N ASN A 276 6.85 -4.34 9.05
CA ASN A 276 5.91 -5.18 8.32
C ASN A 276 5.40 -4.39 7.14
N SER A 277 6.23 -4.23 6.13
CA SER A 277 5.92 -3.37 5.00
C SER A 277 4.73 -3.94 4.25
N PRO A 278 3.61 -3.22 4.15
CA PRO A 278 2.42 -3.83 3.52
C PRO A 278 2.55 -3.95 2.02
N VAL A 279 3.26 -3.03 1.38
CA VAL A 279 3.62 -3.17 -0.03
C VAL A 279 5.07 -3.68 -0.06
N GLN A 280 5.23 -4.93 -0.47
CA GLN A 280 6.49 -5.65 -0.35
C GLN A 280 7.36 -5.55 -1.60
N LEU A 281 6.77 -5.31 -2.77
CA LEU A 281 7.48 -5.40 -4.03
C LEU A 281 7.17 -4.17 -4.88
N ILE A 282 8.20 -3.67 -5.56
CA ILE A 282 8.02 -2.62 -6.56
C ILE A 282 8.79 -2.97 -7.82
N PRO A 283 8.12 -3.27 -8.92
CA PRO A 283 8.85 -3.61 -10.15
C PRO A 283 9.23 -2.39 -10.98
N ARG A 284 10.31 -2.56 -11.74
CA ARG A 284 10.80 -1.59 -12.71
C ARG A 284 11.39 -2.35 -13.88
N GLN A 285 11.48 -1.68 -15.02
CA GLN A 285 12.14 -2.21 -16.20
C GLN A 285 13.48 -1.54 -16.41
N VAL A 286 14.50 -2.34 -16.70
CA VAL A 286 15.84 -1.84 -16.97
C VAL A 286 15.89 -1.27 -18.38
N SER A 287 16.34 -0.03 -18.52
CA SER A 287 16.34 0.61 -19.83
C SER A 287 17.62 0.37 -20.62
N LYS A 288 18.70 -0.08 -19.98
CA LYS A 288 19.98 -0.21 -20.65
C LYS A 288 20.85 -1.15 -19.85
N PRO A 289 21.91 -1.69 -20.45
CA PRO A 289 22.81 -2.59 -19.69
C PRO A 289 23.26 -1.92 -18.40
N PHE A 290 23.28 -2.71 -17.33
CA PHE A 290 23.58 -2.18 -16.01
C PHE A 290 24.04 -3.32 -15.11
N ILE A 291 24.82 -3.00 -14.08
CA ILE A 291 25.33 -4.01 -13.16
C ILE A 291 25.24 -3.52 -11.72
N PHE A 292 24.67 -4.36 -10.84
CA PHE A 292 24.79 -4.23 -9.39
C PHE A 292 25.56 -5.44 -8.86
N ASN A 293 26.42 -5.24 -7.84
CA ASN A 293 27.41 -6.23 -7.39
C ASN A 293 28.16 -6.79 -8.60
N ASN A 294 27.92 -8.02 -9.01
CA ASN A 294 28.47 -8.48 -10.29
C ASN A 294 27.38 -9.18 -11.10
N THR A 295 26.13 -8.82 -10.85
CA THR A 295 25.00 -9.35 -11.59
C THR A 295 24.66 -8.42 -12.75
N GLU A 296 24.82 -8.93 -13.96
CA GLU A 296 24.59 -8.14 -15.17
C GLU A 296 23.12 -8.14 -15.57
N LEU A 297 22.62 -6.95 -15.88
CA LEU A 297 21.25 -6.73 -16.31
C LEU A 297 21.27 -6.19 -17.74
N GLN A 298 20.25 -6.54 -18.52
CA GLN A 298 20.12 -6.13 -19.91
C GLN A 298 18.90 -5.23 -20.08
N ALA A 299 18.95 -4.37 -21.10
CA ALA A 299 17.80 -3.57 -21.47
C ALA A 299 16.58 -4.48 -21.65
N GLY A 300 15.47 -4.11 -21.02
CA GLY A 300 14.27 -4.92 -21.05
C GLY A 300 14.12 -5.86 -19.88
N ASP A 301 15.19 -6.15 -19.14
CA ASP A 301 15.03 -6.98 -17.96
C ASP A 301 14.10 -6.31 -16.96
N THR A 302 13.59 -7.11 -16.04
CA THR A 302 12.72 -6.63 -14.97
C THR A 302 13.44 -6.79 -13.63
N VAL A 303 13.46 -5.73 -12.83
CA VAL A 303 13.94 -5.81 -11.46
C VAL A 303 12.78 -5.55 -10.52
N ILE A 304 12.75 -6.26 -9.40
CA ILE A 304 11.66 -6.15 -8.44
C ILE A 304 12.28 -5.79 -7.09
N CYS A 305 12.00 -4.57 -6.62
CA CYS A 305 12.52 -4.09 -5.35
C CYS A 305 11.78 -4.75 -4.20
N MET A 306 12.52 -5.31 -3.25
CA MET A 306 11.97 -5.98 -2.08
C MET A 306 11.99 -4.98 -0.94
N ILE A 307 10.84 -4.31 -0.77
CA ILE A 307 10.74 -3.21 0.20
C ILE A 307 10.91 -3.71 1.63
N GLY A 308 10.29 -4.84 1.96
CA GLY A 308 10.45 -5.40 3.31
C GLY A 308 11.88 -5.77 3.62
N SER A 309 12.55 -6.39 2.66
CA SER A 309 13.96 -6.75 2.84
C SER A 309 14.82 -5.50 3.03
N ALA A 310 14.64 -4.50 2.15
CA ALA A 310 15.42 -3.27 2.26
C ALA A 310 15.22 -2.60 3.60
N ASN A 311 13.97 -2.57 4.07
CA ASN A 311 13.64 -1.92 5.34
C ASN A 311 14.21 -2.66 6.53
N ARG A 312 14.69 -3.89 6.35
CA ARG A 312 15.37 -4.63 7.42
C ARG A 312 16.86 -4.85 7.13
N ASP A 313 17.43 -4.06 6.24
CA ASP A 313 18.85 -4.15 5.92
C ASP A 313 19.68 -3.65 7.10
N PRO A 314 20.60 -4.45 7.66
CA PRO A 314 21.46 -3.94 8.74
C PRO A 314 22.37 -2.80 8.32
N GLU A 315 22.60 -2.61 7.01
CA GLU A 315 23.33 -1.44 6.54
C GLU A 315 22.54 -0.15 6.73
N ALA A 316 21.22 -0.25 6.89
CA ALA A 316 20.37 0.93 7.03
C ALA A 316 19.80 1.11 8.43
N TYR A 317 19.70 0.04 9.21
CA TYR A 317 19.08 0.08 10.53
C TYR A 317 19.87 -0.80 11.49
N SER A 318 20.12 -0.30 12.68
CA SER A 318 20.60 -1.14 13.77
C SER A 318 19.48 -2.07 14.23
N ASN A 319 19.83 -3.31 14.56
CA ASN A 319 18.88 -4.30 15.04
C ASN A 319 17.61 -4.29 14.17
N PRO A 320 17.77 -4.49 12.86
CA PRO A 320 16.64 -4.25 11.93
C PRO A 320 15.44 -5.16 12.14
N ASP A 321 15.63 -6.34 12.72
CA ASP A 321 14.55 -7.31 12.84
C ASP A 321 13.84 -7.23 14.17
N GLU A 322 13.99 -6.12 14.90
CA GLU A 322 13.26 -5.87 16.13
CA GLU A 322 13.25 -5.88 16.13
C GLU A 322 12.33 -4.67 15.93
N PHE A 323 11.09 -4.81 16.41
CA PHE A 323 10.14 -3.72 16.36
C PHE A 323 10.44 -2.77 17.52
N ASN A 324 10.68 -1.50 17.20
CA ASN A 324 11.07 -0.52 18.21
C ASN A 324 10.55 0.85 17.77
N ILE A 325 9.51 1.33 18.44
CA ILE A 325 8.90 2.59 18.03
C ILE A 325 9.77 3.80 18.36
N HIS A 326 10.84 3.61 19.13
CA HIS A 326 11.68 4.71 19.59
C HIS A 326 12.89 4.95 18.71
N ARG A 327 12.96 4.34 17.53
CA ARG A 327 14.08 4.59 16.63
C ARG A 327 14.15 6.06 16.25
N SER A 328 15.37 6.58 16.13
CA SER A 328 15.53 7.98 15.77
C SER A 328 16.86 8.21 15.08
N SER A 329 16.86 9.12 14.10
CA SER A 329 18.11 9.51 13.45
C SER A 329 18.95 10.41 14.36
N ASP A 330 18.37 10.90 15.47
CA ASP A 330 19.07 11.73 16.43
C ASP A 330 19.84 10.92 17.47
N ASN A 331 19.63 9.61 17.53
CA ASN A 331 20.27 8.76 18.52
C ASN A 331 21.79 8.88 18.46
N THR A 336 24.18 3.57 16.86
CA THR A 336 22.85 3.38 16.29
C THR A 336 22.82 3.89 14.84
N SER A 337 22.10 3.18 13.99
CA SER A 337 21.94 3.51 12.59
C SER A 337 20.44 3.54 12.27
N HIS A 338 20.03 4.55 11.50
CA HIS A 338 18.63 4.74 11.16
C HIS A 338 18.55 5.44 9.81
N SER A 339 17.59 5.03 9.00
CA SER A 339 17.41 5.58 7.66
C SER A 339 15.93 5.80 7.42
N GLN A 340 15.63 6.59 6.39
CA GLN A 340 14.25 6.75 5.95
C GLN A 340 13.78 5.46 5.30
N ASN A 341 12.68 4.87 5.81
CA ASN A 341 12.24 3.61 5.25
C ASN A 341 11.66 3.82 3.85
N LEU A 342 11.54 2.72 3.12
CA LEU A 342 11.12 2.76 1.72
C LEU A 342 9.70 2.28 1.52
N SER A 343 8.93 2.21 2.60
CA SER A 343 7.58 1.65 2.58
C SER A 343 6.62 2.43 1.70
N PHE A 344 6.90 3.71 1.45
CA PHE A 344 6.15 4.51 0.49
C PHE A 344 6.89 4.71 -0.82
N GLY A 345 7.97 3.96 -1.05
CA GLY A 345 8.83 4.21 -2.20
C GLY A 345 9.73 5.40 -1.95
N THR A 346 10.35 5.85 -3.03
CA THR A 346 11.16 7.05 -3.00
C THR A 346 11.38 7.50 -4.44
N GLY A 347 11.84 8.72 -4.59
CA GLY A 347 12.05 9.27 -5.91
C GLY A 347 10.76 9.77 -6.55
N VAL A 348 10.76 9.76 -7.88
CA VAL A 348 9.68 10.36 -8.66
C VAL A 348 8.31 9.85 -8.22
N HIS A 349 8.19 8.54 -7.99
CA HIS A 349 6.89 7.93 -7.75
C HIS A 349 6.62 7.67 -6.28
N THR A 350 7.30 8.36 -5.38
CA THR A 350 6.99 8.28 -3.96
C THR A 350 5.48 8.43 -3.77
N CYS A 351 4.91 7.60 -2.91
CA CYS A 351 3.45 7.59 -2.70
C CYS A 351 2.91 9.00 -2.48
N VAL A 352 2.00 9.42 -3.35
CA VAL A 352 1.37 10.72 -3.19
C VAL A 352 0.49 10.77 -1.95
N GLY A 353 0.04 9.61 -1.45
CA GLY A 353 -0.80 9.53 -0.27
C GLY A 353 -0.09 9.23 1.02
N ALA A 354 1.24 9.39 1.07
CA ALA A 354 1.99 9.02 2.26
C ALA A 354 1.57 9.85 3.47
N SER A 355 1.54 11.18 3.30
CA SER A 355 1.18 12.02 4.43
C SER A 355 -0.26 11.82 4.84
N PHE A 356 -1.18 11.75 3.87
CA PHE A 356 -2.56 11.46 4.20
C PHE A 356 -2.68 10.15 4.95
N SER A 357 -1.95 9.12 4.51
CA SER A 357 -2.01 7.82 5.16
C SER A 357 -1.61 7.91 6.63
N LEU A 358 -0.51 8.61 6.92
CA LEU A 358 -0.08 8.75 8.30
C LEU A 358 -1.13 9.48 9.14
N ILE A 359 -1.78 10.49 8.56
CA ILE A 359 -2.80 11.24 9.31
C ILE A 359 -4.02 10.38 9.55
N GLN A 360 -4.46 9.65 8.54
CA GLN A 360 -5.63 8.80 8.66
C GLN A 360 -5.39 7.66 9.65
N LEU A 361 -4.21 7.02 9.58
CA LEU A 361 -3.93 5.91 10.48
C LEU A 361 -3.79 6.39 11.91
N GLU A 362 -3.24 7.58 12.12
CA GLU A 362 -3.15 8.11 13.47
C GLU A 362 -4.53 8.40 14.06
N MET A 363 -5.41 9.02 13.27
CA MET A 363 -6.80 9.23 13.68
C MET A 363 -7.46 7.93 14.12
N VAL A 364 -7.35 6.90 13.28
CA VAL A 364 -7.98 5.62 13.59
C VAL A 364 -7.40 5.06 14.89
N ALA A 365 -6.07 5.06 15.01
CA ALA A 365 -5.45 4.46 16.18
C ALA A 365 -5.84 5.20 17.45
N ILE A 366 -5.92 6.53 17.37
CA ILE A 366 -6.35 7.34 18.51
C ILE A 366 -7.75 6.94 18.94
N LEU A 367 -8.67 6.81 17.97
CA LEU A 367 -10.06 6.51 18.32
C LEU A 367 -10.21 5.10 18.87
N LEU A 368 -9.47 4.12 18.31
CA LEU A 368 -9.50 2.79 18.87
C LEU A 368 -8.98 2.79 20.31
N LEU A 369 -7.89 3.51 20.56
CA LEU A 369 -7.35 3.57 21.92
C LEU A 369 -8.29 4.30 22.86
N LYS A 370 -8.99 5.32 22.36
CA LYS A 370 -9.90 6.07 23.22
C LYS A 370 -11.12 5.25 23.60
N ARG A 371 -11.70 4.52 22.65
CA ARG A 371 -13.03 3.93 22.84
C ARG A 371 -12.98 2.48 23.28
N LEU A 372 -11.93 1.74 22.92
CA LEU A 372 -11.76 0.34 23.30
C LEU A 372 -10.82 0.31 24.50
N LYS A 373 -11.39 0.17 25.69
CA LYS A 373 -10.61 0.26 26.92
C LYS A 373 -10.02 -1.10 27.27
N ASN A 374 -8.77 -1.08 27.74
CA ASN A 374 -8.06 -2.27 28.17
C ASN A 374 -8.02 -3.30 27.06
N ILE A 375 -7.50 -2.86 25.90
CA ILE A 375 -7.33 -3.76 24.77
C ILE A 375 -6.44 -4.92 25.17
N LYS A 376 -6.87 -6.12 24.83
CA LYS A 376 -6.09 -7.33 25.01
C LYS A 376 -6.00 -8.05 23.66
N LEU A 377 -4.83 -8.60 23.35
CA LEU A 377 -4.68 -9.40 22.15
C LEU A 377 -5.41 -10.73 22.30
N LYS A 378 -6.19 -11.10 21.29
CA LYS A 378 -6.77 -12.44 21.20
C LYS A 378 -6.10 -13.33 20.17
N THR A 379 -5.62 -12.76 19.06
CA THR A 379 -4.88 -13.51 18.05
C THR A 379 -3.42 -13.51 18.50
N MET A 380 -3.04 -14.53 19.26
CA MET A 380 -1.71 -14.54 19.85
C MET A 380 -0.62 -14.73 18.79
N GLU A 381 -0.93 -15.43 17.70
CA GLU A 381 0.02 -15.67 16.62
C GLU A 381 -0.68 -15.43 15.29
N ILE A 382 -0.24 -14.42 14.56
CA ILE A 382 -0.85 -14.13 13.28
C ILE A 382 -0.35 -15.13 12.24
N THR A 383 -1.15 -15.34 11.21
CA THR A 383 -0.71 -15.97 9.97
C THR A 383 -0.76 -14.89 8.90
N GLU A 384 0.33 -14.74 8.16
CA GLU A 384 0.45 -13.70 7.16
C GLU A 384 0.40 -14.31 5.77
N HIS A 385 -0.19 -13.56 4.84
N HIS A 385 -0.20 -13.59 4.84
CA HIS A 385 -0.42 -14.01 3.48
CA HIS A 385 -0.32 -14.08 3.48
C HIS A 385 -0.06 -12.90 2.50
C HIS A 385 -0.10 -12.94 2.50
N GLY A 386 0.35 -13.29 1.30
CA GLY A 386 0.69 -12.33 0.28
C GLY A 386 2.20 -12.12 0.21
N ILE A 387 2.74 -12.11 -1.00
CA ILE A 387 4.14 -11.77 -1.18
C ILE A 387 4.34 -10.42 -1.86
N TYR A 388 3.32 -9.89 -2.55
CA TYR A 388 3.39 -8.59 -3.20
C TYR A 388 2.83 -7.51 -2.26
N THR A 389 1.57 -7.67 -1.85
CA THR A 389 1.05 -7.02 -0.66
C THR A 389 0.85 -8.09 0.40
N ARG A 390 1.02 -7.72 1.66
CA ARG A 390 1.16 -8.72 2.71
C ARG A 390 0.57 -8.21 4.02
N GLY A 391 -0.18 -9.09 4.68
CA GLY A 391 -0.79 -8.75 5.94
C GLY A 391 -1.34 -9.96 6.67
N PRO A 392 -1.79 -9.76 7.90
CA PRO A 392 -2.39 -10.87 8.66
C PRO A 392 -3.75 -11.28 8.09
N LYS A 393 -4.04 -12.57 8.20
CA LYS A 393 -5.37 -13.05 7.83
C LYS A 393 -6.42 -12.48 8.77
N SER A 394 -6.09 -12.40 10.06
N SER A 394 -6.08 -12.36 10.06
CA SER A 394 -6.99 -11.91 11.08
CA SER A 394 -7.02 -11.97 11.11
C SER A 394 -6.14 -11.32 12.20
C SER A 394 -6.19 -11.44 12.28
N MET A 395 -6.76 -10.45 13.00
CA MET A 395 -6.05 -9.84 14.13
C MET A 395 -7.09 -9.35 15.12
N VAL A 396 -7.55 -10.27 15.97
CA VAL A 396 -8.67 -10.02 16.86
C VAL A 396 -8.13 -9.49 18.19
N ILE A 397 -8.76 -8.43 18.70
CA ILE A 397 -8.49 -7.89 20.02
C ILE A 397 -9.80 -7.93 20.80
N SER A 398 -9.67 -7.99 22.12
CA SER A 398 -10.79 -7.86 23.04
C SER A 398 -10.65 -6.58 23.84
N PHE A 399 -11.75 -6.13 24.42
CA PHE A 399 -11.78 -4.87 25.15
C PHE A 399 -12.99 -4.86 26.07
N ASP A 400 -13.02 -3.90 26.98
CA ASP A 400 -14.08 -3.83 27.98
C ASP A 400 -15.44 -3.50 27.37
#